data_1E9D
#
_entry.id   1E9D
#
_cell.length_a   101.600
_cell.length_b   101.600
_cell.length_c   48.600
_cell.angle_alpha   90.00
_cell.angle_beta   90.00
_cell.angle_gamma   90.00
#
_symmetry.space_group_name_H-M   'P 43 21 2'
#
loop_
_entity.id
_entity.type
_entity.pdbx_description
1 polymer 'THYMIDYLATE KINASE'
2 non-polymer "3'-AZIDO-3'-DEOXYTHYMIDINE-5'-MONOPHOSPHATE"
3 non-polymer "ADENOSINE-5'-DIPHOSPHATE"
4 non-polymer 'MAGNESIUM ION'
5 water water
#
_entity_poly.entity_id   1
_entity_poly.type   'polypeptide(L)'
_entity_poly.pdbx_seq_one_letter_code
;GSHMAARRGALIVLEGVDRAGKSTQSRKLVEALCAAGHRAELLRFPERSTEIGKLLSSYLQKKSDVEDHSVHLLFSANRW
EQVPLIKEKLSQGVTLVVDRYAFSGVAYTGAKENFSLDWCKQPDVGLPKPDLVLFLQLQLADAAKRGAFGHERYENGAFQ
ERALRCFHQLMKDTTLNWKMVDASKSIEAVHEDIRVLSEDAIATATEKPLKELWK
;
_entity_poly.pdbx_strand_id   A
#
loop_
_chem_comp.id
_chem_comp.type
_chem_comp.name
_chem_comp.formula
ADP non-polymer ADENOSINE-5'-DIPHOSPHATE 'C10 H15 N5 O10 P2'
ATM DNA linking 3'-AZIDO-3'-DEOXYTHYMIDINE-5'-MONOPHOSPHATE 'C10 H14 N5 O7 P'
MG non-polymer 'MAGNESIUM ION' 'Mg 2'
#
# COMPACT_ATOMS: atom_id res chain seq x y z
N ALA A 6 22.83 -13.58 4.75
CA ALA A 6 21.48 -14.04 4.32
C ALA A 6 20.87 -13.12 3.27
N ARG A 7 20.43 -13.73 2.19
CA ARG A 7 19.81 -13.05 1.06
C ARG A 7 18.52 -12.38 1.53
N ARG A 8 18.41 -11.05 1.30
CA ARG A 8 17.19 -10.47 1.90
C ARG A 8 15.97 -10.66 1.02
N GLY A 9 14.81 -10.62 1.67
CA GLY A 9 13.52 -10.69 1.01
C GLY A 9 13.23 -9.33 0.39
N ALA A 10 12.21 -9.27 -0.47
CA ALA A 10 11.76 -8.04 -1.11
C ALA A 10 10.59 -7.39 -0.35
N LEU A 11 10.53 -6.07 -0.44
CA LEU A 11 9.36 -5.41 0.21
C LEU A 11 8.50 -5.02 -1.01
N ILE A 12 7.34 -5.64 -1.14
CA ILE A 12 6.43 -5.35 -2.23
C ILE A 12 5.15 -4.72 -1.66
N VAL A 13 4.75 -3.63 -2.28
CA VAL A 13 3.56 -2.89 -1.91
C VAL A 13 2.56 -2.87 -3.04
N LEU A 14 1.29 -3.08 -2.67
CA LEU A 14 0.19 -2.95 -3.56
C LEU A 14 -0.60 -1.66 -3.19
N GLU A 15 -0.82 -0.82 -4.14
CA GLU A 15 -1.56 0.44 -4.00
C GLU A 15 -2.63 0.53 -5.08
N GLY A 16 -3.55 1.47 -4.92
CA GLY A 16 -4.62 1.66 -5.90
C GLY A 16 -5.88 2.19 -5.21
N VAL A 17 -6.88 2.59 -6.01
CA VAL A 17 -8.09 3.10 -5.39
C VAL A 17 -8.91 1.98 -4.75
N ASP A 18 -10.00 2.40 -4.12
CA ASP A 18 -10.95 1.50 -3.50
C ASP A 18 -11.51 0.49 -4.52
N ARG A 19 -11.53 -0.77 -4.16
CA ARG A 19 -12.05 -1.86 -5.00
C ARG A 19 -11.21 -2.24 -6.20
N ALA A 20 -9.96 -1.80 -6.20
CA ALA A 20 -9.02 -2.06 -7.27
C ALA A 20 -8.59 -3.51 -7.24
N GLY A 21 -8.78 -4.22 -6.12
CA GLY A 21 -8.39 -5.61 -5.98
C GLY A 21 -7.16 -5.84 -5.09
N LYS A 22 -6.73 -4.80 -4.35
CA LYS A 22 -5.51 -4.91 -3.58
C LYS A 22 -5.48 -6.05 -2.57
N SER A 23 -6.56 -6.17 -1.80
CA SER A 23 -6.60 -7.25 -0.79
C SER A 23 -6.68 -8.63 -1.48
N THR A 24 -7.53 -8.75 -2.46
CA THR A 24 -7.58 -10.07 -3.16
C THR A 24 -6.20 -10.37 -3.73
N GLN A 25 -5.58 -9.45 -4.51
CA GLN A 25 -4.29 -9.78 -5.10
C GLN A 25 -3.19 -9.92 -4.06
N SER A 26 -3.19 -9.17 -2.96
CA SER A 26 -2.14 -9.38 -1.97
C SER A 26 -2.15 -10.80 -1.44
N ARG A 27 -3.35 -11.29 -1.09
CA ARG A 27 -3.53 -12.63 -0.56
C ARG A 27 -3.06 -13.67 -1.58
N LYS A 28 -3.54 -13.49 -2.78
CA LYS A 28 -3.19 -14.51 -3.80
C LYS A 28 -1.70 -14.49 -4.11
N LEU A 29 -1.12 -13.28 -3.98
CA LEU A 29 0.32 -13.19 -4.33
C LEU A 29 1.12 -13.96 -3.27
N VAL A 30 0.80 -13.79 -2.00
CA VAL A 30 1.52 -14.51 -0.94
C VAL A 30 1.35 -16.04 -1.10
N GLU A 31 0.11 -16.43 -1.39
CA GLU A 31 -0.10 -17.89 -1.61
C GLU A 31 0.75 -18.38 -2.79
N ALA A 32 0.78 -17.72 -3.94
CA ALA A 32 1.56 -18.18 -5.07
C ALA A 32 3.08 -18.20 -4.77
N LEU A 33 3.57 -17.16 -4.09
CA LEU A 33 5.03 -17.09 -3.83
C LEU A 33 5.41 -18.23 -2.90
N CYS A 34 4.61 -18.51 -1.86
CA CYS A 34 4.94 -19.64 -0.98
C CYS A 34 4.83 -20.98 -1.72
N ALA A 35 3.86 -21.11 -2.63
CA ALA A 35 3.73 -22.37 -3.36
C ALA A 35 4.91 -22.58 -4.28
N ALA A 36 5.59 -21.49 -4.64
CA ALA A 36 6.71 -21.48 -5.53
C ALA A 36 8.04 -21.55 -4.77
N GLY A 37 7.96 -21.83 -3.49
CA GLY A 37 9.11 -22.08 -2.66
C GLY A 37 9.70 -20.85 -1.99
N HIS A 38 9.08 -19.68 -2.19
CA HIS A 38 9.60 -18.55 -1.42
C HIS A 38 8.94 -18.51 -0.02
N ARG A 39 9.63 -17.84 0.90
CA ARG A 39 9.10 -17.50 2.21
C ARG A 39 8.51 -16.07 2.02
N ALA A 40 7.20 -15.97 2.00
CA ALA A 40 6.56 -14.67 1.82
C ALA A 40 5.45 -14.59 2.87
N GLU A 41 5.20 -13.41 3.38
CA GLU A 41 4.17 -13.14 4.38
C GLU A 41 3.37 -11.88 4.00
N LEU A 42 2.13 -11.82 4.44
CA LEU A 42 1.28 -10.68 4.13
C LEU A 42 1.16 -9.66 5.27
N LEU A 43 1.19 -8.38 4.91
CA LEU A 43 1.01 -7.28 5.87
C LEU A 43 -0.03 -6.30 5.25
N ARG A 44 -0.62 -5.43 6.08
CA ARG A 44 -1.51 -4.43 5.52
C ARG A 44 -1.47 -3.12 6.35
N PHE A 45 -1.87 -2.01 5.71
CA PHE A 45 -2.00 -0.76 6.47
C PHE A 45 -3.36 -0.18 6.09
N PRO A 46 -4.15 0.32 7.03
CA PRO A 46 -3.77 0.32 8.43
C PRO A 46 -3.74 -1.04 9.07
N GLU A 47 -2.91 -1.22 10.05
CA GLU A 47 -2.78 -2.43 10.86
C GLU A 47 -3.73 -2.15 12.04
N ARG A 48 -4.94 -2.71 11.91
CA ARG A 48 -5.98 -2.36 12.88
C ARG A 48 -5.94 -3.02 14.24
N SER A 49 -5.02 -3.92 14.47
CA SER A 49 -4.96 -4.68 15.72
C SER A 49 -4.24 -4.01 16.86
N THR A 50 -3.44 -2.97 16.60
CA THR A 50 -2.70 -2.30 17.67
C THR A 50 -3.58 -1.19 18.28
N GLU A 51 -3.06 -0.56 19.33
CA GLU A 51 -3.80 0.51 20.00
C GLU A 51 -4.01 1.65 19.02
N ILE A 52 -2.97 2.02 18.28
CA ILE A 52 -3.16 3.08 17.28
C ILE A 52 -4.14 2.57 16.19
N GLY A 53 -3.95 1.30 15.83
CA GLY A 53 -4.84 0.65 14.85
C GLY A 53 -6.33 0.73 15.22
N LYS A 54 -6.68 0.51 16.49
CA LYS A 54 -8.10 0.63 16.87
C LYS A 54 -8.57 2.08 16.77
N LEU A 55 -7.73 3.07 17.14
CA LEU A 55 -8.17 4.45 16.95
C LEU A 55 -8.49 4.69 15.48
N LEU A 56 -7.66 4.10 14.61
CA LEU A 56 -7.84 4.29 13.17
C LEU A 56 -9.12 3.62 12.65
N SER A 57 -9.34 2.40 13.13
CA SER A 57 -10.47 1.60 12.71
C SER A 57 -11.78 2.32 13.10
N SER A 58 -11.81 2.81 14.33
CA SER A 58 -12.96 3.56 14.85
C SER A 58 -13.24 4.80 14.01
N TYR A 59 -12.20 5.56 13.65
CA TYR A 59 -12.30 6.68 12.76
C TYR A 59 -12.90 6.30 11.40
N LEU A 60 -12.38 5.25 10.77
CA LEU A 60 -12.83 4.82 9.46
C LEU A 60 -14.26 4.26 9.53
N GLN A 61 -14.63 3.71 10.68
CA GLN A 61 -16.00 3.19 10.79
C GLN A 61 -16.94 4.33 11.15
N LYS A 62 -16.44 5.55 11.21
CA LYS A 62 -17.23 6.70 11.57
C LYS A 62 -17.77 6.55 12.98
N LYS A 63 -17.16 5.73 13.81
CA LYS A 63 -17.59 5.64 15.21
C LYS A 63 -17.01 6.81 16.01
N SER A 64 -15.94 7.43 15.53
CA SER A 64 -15.29 8.54 16.18
C SER A 64 -14.85 9.57 15.12
N ASP A 65 -14.68 10.80 15.56
CA ASP A 65 -14.16 11.83 14.68
C ASP A 65 -12.75 12.12 15.23
N VAL A 66 -11.82 12.34 14.30
CA VAL A 66 -10.44 12.60 14.68
C VAL A 66 -9.98 13.76 13.79
N GLU A 67 -9.36 14.70 14.50
CA GLU A 67 -8.84 15.89 13.77
C GLU A 67 -7.92 15.43 12.63
N ASP A 68 -8.04 16.06 11.46
CA ASP A 68 -7.38 15.56 10.26
C ASP A 68 -5.85 15.44 10.29
N HIS A 69 -5.16 16.40 10.90
CA HIS A 69 -3.70 16.26 10.96
C HIS A 69 -3.36 15.11 11.93
N SER A 70 -4.05 15.04 13.04
CA SER A 70 -3.83 13.94 14.01
C SER A 70 -4.05 12.60 13.36
N VAL A 71 -5.14 12.46 12.62
CA VAL A 71 -5.45 11.18 11.98
C VAL A 71 -4.37 10.85 10.96
N HIS A 72 -3.90 11.86 10.20
CA HIS A 72 -2.77 11.60 9.27
C HIS A 72 -1.53 11.06 9.96
N LEU A 73 -1.20 11.64 11.12
CA LEU A 73 -0.01 11.23 11.86
C LEU A 73 -0.20 9.83 12.45
N LEU A 74 -1.43 9.56 12.91
CA LEU A 74 -1.65 8.20 13.46
C LEU A 74 -1.44 7.15 12.36
N PHE A 75 -1.90 7.41 11.15
CA PHE A 75 -1.74 6.47 10.01
C PHE A 75 -0.24 6.22 9.80
N SER A 76 0.58 7.30 9.88
CA SER A 76 2.04 7.08 9.78
C SER A 76 2.63 6.29 10.93
N ALA A 77 2.37 6.66 12.17
CA ALA A 77 2.85 5.95 13.35
C ALA A 77 2.50 4.46 13.27
N ASN A 78 1.34 4.18 12.72
CA ASN A 78 0.87 2.79 12.56
C ASN A 78 1.78 1.99 11.61
N ARG A 79 2.51 2.65 10.73
CA ARG A 79 3.53 2.08 9.90
C ARG A 79 4.84 2.03 10.70
N TRP A 80 5.23 3.13 11.37
CA TRP A 80 6.48 3.06 12.09
C TRP A 80 6.50 1.99 13.15
N GLU A 81 5.36 1.71 13.76
CA GLU A 81 5.33 0.68 14.81
C GLU A 81 5.58 -0.71 14.24
N GLN A 82 5.47 -0.91 12.95
CA GLN A 82 5.79 -2.26 12.40
C GLN A 82 7.18 -2.29 11.76
N VAL A 83 7.88 -1.15 11.74
CA VAL A 83 9.21 -1.11 11.09
C VAL A 83 10.21 -2.09 11.65
N PRO A 84 10.43 -2.24 12.94
CA PRO A 84 11.38 -3.21 13.47
C PRO A 84 11.03 -4.62 13.00
N LEU A 85 9.78 -4.99 12.95
CA LEU A 85 9.38 -6.32 12.40
C LEU A 85 9.68 -6.47 10.92
N ILE A 86 9.27 -5.49 10.13
CA ILE A 86 9.54 -5.48 8.69
C ILE A 86 11.01 -5.66 8.41
N LYS A 87 11.87 -4.90 9.08
CA LYS A 87 13.31 -5.02 8.84
C LYS A 87 13.83 -6.39 9.22
N GLU A 88 13.45 -6.80 10.42
CA GLU A 88 13.78 -8.14 10.90
C GLU A 88 13.40 -9.20 9.88
N LYS A 89 12.14 -9.20 9.44
CA LYS A 89 11.70 -10.20 8.46
C LYS A 89 12.44 -10.18 7.14
N LEU A 90 12.57 -9.01 6.53
CA LEU A 90 13.28 -8.89 5.28
C LEU A 90 14.72 -9.40 5.43
N SER A 91 15.39 -9.09 6.54
CA SER A 91 16.81 -9.49 6.66
C SER A 91 16.94 -11.00 6.85
N GLN A 92 15.87 -11.61 7.32
CA GLN A 92 15.83 -13.05 7.51
C GLN A 92 15.57 -13.75 6.18
N GLY A 93 15.22 -12.98 5.16
CA GLY A 93 14.95 -13.61 3.86
C GLY A 93 13.48 -13.72 3.51
N VAL A 94 12.60 -13.20 4.38
CA VAL A 94 11.19 -13.24 4.04
C VAL A 94 10.80 -12.05 3.15
N THR A 95 10.04 -12.36 2.10
CA THR A 95 9.51 -11.28 1.26
C THR A 95 8.19 -10.86 1.89
N LEU A 96 7.96 -9.55 1.98
CA LEU A 96 6.70 -9.05 2.54
C LEU A 96 5.89 -8.40 1.42
N VAL A 97 4.65 -8.73 1.37
CA VAL A 97 3.64 -8.26 0.44
C VAL A 97 2.71 -7.39 1.25
N VAL A 98 2.64 -6.09 0.93
CA VAL A 98 1.90 -5.14 1.82
C VAL A 98 0.74 -4.48 1.11
N ASP A 99 -0.47 -4.64 1.70
CA ASP A 99 -1.70 -4.10 1.10
C ASP A 99 -1.88 -2.65 1.62
N ARG A 100 -1.39 -1.71 0.82
CA ARG A 100 -1.36 -0.29 1.13
C ARG A 100 -0.11 0.07 1.99
N TYR A 101 0.34 1.31 1.78
CA TYR A 101 1.52 1.76 2.55
C TYR A 101 1.49 3.29 2.61
N ALA A 102 2.66 3.90 2.62
CA ALA A 102 2.72 5.38 2.73
C ALA A 102 2.04 6.16 1.61
N PHE A 103 2.02 5.60 0.39
CA PHE A 103 1.43 6.22 -0.75
C PHE A 103 -0.05 6.44 -0.44
N SER A 104 -0.77 5.43 0.08
CA SER A 104 -2.17 5.62 0.43
C SER A 104 -2.31 6.71 1.52
N GLY A 105 -1.36 6.74 2.41
CA GLY A 105 -1.28 7.71 3.52
C GLY A 105 -1.21 9.14 2.96
N VAL A 106 -0.43 9.39 1.91
CA VAL A 106 -0.38 10.72 1.32
C VAL A 106 -1.57 11.01 0.44
N ALA A 107 -1.98 10.02 -0.37
CA ALA A 107 -3.06 10.21 -1.32
C ALA A 107 -4.37 10.46 -0.63
N TYR A 108 -4.69 9.73 0.48
CA TYR A 108 -5.98 9.98 1.09
C TYR A 108 -5.98 11.29 1.88
N THR A 109 -4.97 11.64 2.64
CA THR A 109 -5.00 12.94 3.35
C THR A 109 -4.89 14.06 2.33
N GLY A 110 -4.09 13.86 1.28
CA GLY A 110 -3.92 14.84 0.22
C GLY A 110 -5.21 15.17 -0.51
N ALA A 111 -6.23 14.36 -0.40
CA ALA A 111 -7.54 14.59 -1.00
C ALA A 111 -8.39 15.57 -0.18
N LYS A 112 -7.87 15.94 0.98
CA LYS A 112 -8.57 16.88 1.86
C LYS A 112 -7.99 18.23 1.48
N GLU A 113 -8.83 19.25 1.48
CA GLU A 113 -8.31 20.58 1.10
C GLU A 113 -7.27 21.09 2.08
N ASN A 114 -6.28 21.81 1.57
CA ASN A 114 -5.25 22.47 2.36
C ASN A 114 -4.25 21.52 2.98
N PHE A 115 -4.10 20.33 2.40
CA PHE A 115 -3.05 19.40 2.90
C PHE A 115 -2.04 19.22 1.75
N SER A 116 -0.87 19.80 1.82
CA SER A 116 0.08 19.68 0.72
C SER A 116 0.68 18.28 0.63
N LEU A 117 1.03 17.94 -0.63
CA LEU A 117 1.71 16.64 -0.77
C LEU A 117 2.97 16.66 0.10
N ASP A 118 3.71 17.76 0.12
CA ASP A 118 4.92 17.80 0.91
C ASP A 118 4.69 17.52 2.39
N TRP A 119 3.82 18.25 3.04
CA TRP A 119 3.53 18.02 4.46
C TRP A 119 3.11 16.57 4.68
N CYS A 120 2.27 16.03 3.78
CA CYS A 120 1.76 14.66 3.97
C CYS A 120 2.88 13.62 3.93
N LYS A 121 3.85 13.84 3.05
CA LYS A 121 4.98 12.90 2.97
C LYS A 121 5.88 12.82 4.19
N GLN A 122 6.06 13.97 4.87
CA GLN A 122 7.09 14.05 5.89
C GLN A 122 7.09 13.00 6.97
N PRO A 123 6.00 12.67 7.60
CA PRO A 123 6.02 11.70 8.70
C PRO A 123 6.56 10.34 8.25
N ASP A 124 6.31 10.07 6.95
CA ASP A 124 6.75 8.74 6.43
C ASP A 124 8.17 8.76 5.91
N VAL A 125 8.81 9.94 5.79
CA VAL A 125 10.20 9.98 5.35
C VAL A 125 11.06 9.08 6.20
N GLY A 126 11.86 8.20 5.60
CA GLY A 126 12.66 7.25 6.33
C GLY A 126 12.11 5.85 6.52
N LEU A 127 10.87 5.56 6.20
CA LEU A 127 10.38 4.19 6.27
C LEU A 127 11.18 3.30 5.30
N PRO A 128 11.08 1.99 5.54
CA PRO A 128 11.70 1.06 4.58
C PRO A 128 11.16 1.37 3.19
N LYS A 129 12.03 1.52 2.18
CA LYS A 129 11.63 1.78 0.83
C LYS A 129 11.25 0.51 0.08
N PRO A 130 10.04 0.43 -0.43
CA PRO A 130 9.64 -0.76 -1.20
C PRO A 130 10.55 -1.00 -2.40
N ASP A 131 10.75 -2.28 -2.69
CA ASP A 131 11.50 -2.67 -3.88
C ASP A 131 10.61 -2.60 -5.12
N LEU A 132 9.29 -2.71 -4.89
CA LEU A 132 8.35 -2.69 -5.98
C LEU A 132 7.05 -2.07 -5.46
N VAL A 133 6.47 -1.18 -6.24
CA VAL A 133 5.17 -0.63 -5.84
C VAL A 133 4.22 -0.91 -7.01
N LEU A 134 3.35 -1.86 -6.81
CA LEU A 134 2.38 -2.14 -7.90
C LEU A 134 1.23 -1.17 -7.77
N PHE A 135 0.83 -0.49 -8.85
CA PHE A 135 -0.36 0.35 -8.77
C PHE A 135 -1.46 -0.34 -9.59
N LEU A 136 -2.52 -0.77 -8.93
CA LEU A 136 -3.62 -1.48 -9.57
C LEU A 136 -4.57 -0.49 -10.23
N GLN A 137 -4.29 -0.27 -11.50
CA GLN A 137 -5.08 0.77 -12.21
C GLN A 137 -6.37 0.25 -12.81
N LEU A 138 -7.42 1.04 -12.62
CA LEU A 138 -8.71 0.75 -13.26
C LEU A 138 -9.60 2.01 -13.15
N GLN A 139 -10.45 2.20 -14.14
CA GLN A 139 -11.31 3.40 -14.11
C GLN A 139 -12.17 3.36 -12.86
N LEU A 140 -12.28 4.52 -12.18
CA LEU A 140 -13.13 4.54 -10.99
C LEU A 140 -14.52 4.05 -11.39
N ALA A 141 -14.86 4.23 -12.66
CA ALA A 141 -16.15 3.75 -13.13
C ALA A 141 -16.20 2.23 -13.11
N ASP A 142 -15.14 1.54 -13.51
CA ASP A 142 -15.17 0.07 -13.51
C ASP A 142 -15.17 -0.40 -12.06
N ALA A 143 -14.35 0.25 -11.23
CA ALA A 143 -14.32 -0.12 -9.82
C ALA A 143 -15.73 -0.09 -9.25
N ALA A 144 -16.52 0.93 -9.58
CA ALA A 144 -17.87 1.04 -9.05
C ALA A 144 -18.78 -0.11 -9.45
N LYS A 145 -18.40 -0.84 -10.49
CA LYS A 145 -19.16 -1.98 -10.99
C LYS A 145 -19.00 -3.18 -10.06
N ARG A 146 -17.97 -3.08 -9.23
CA ARG A 146 -17.65 -4.16 -8.29
C ARG A 146 -18.54 -4.00 -7.06
N GLY A 147 -19.85 -4.11 -7.30
CA GLY A 147 -20.80 -4.00 -6.20
C GLY A 147 -20.96 -2.53 -5.81
N ALA A 148 -21.30 -2.25 -4.56
CA ALA A 148 -21.47 -0.90 -4.07
C ALA A 148 -20.39 -0.47 -3.06
N PHE A 149 -20.37 0.84 -2.82
CA PHE A 149 -19.43 1.44 -1.89
C PHE A 149 -19.75 0.96 -0.48
N GLY A 150 -18.71 0.65 0.29
CA GLY A 150 -18.93 0.24 1.67
C GLY A 150 -19.41 1.44 2.49
N HIS A 151 -19.50 1.27 3.80
CA HIS A 151 -19.99 2.43 4.58
C HIS A 151 -18.86 3.15 5.30
N GLU A 152 -17.58 2.90 5.00
CA GLU A 152 -16.48 3.57 5.66
C GLU A 152 -16.14 4.97 5.11
N ARG A 153 -15.44 5.70 6.00
CA ARG A 153 -15.04 7.04 5.61
C ARG A 153 -14.22 6.83 4.33
N TYR A 154 -14.24 7.81 3.48
CA TYR A 154 -13.53 7.89 2.24
C TYR A 154 -14.15 7.02 1.14
N GLU A 155 -15.11 6.18 1.51
CA GLU A 155 -15.74 5.33 0.50
C GLU A 155 -16.89 6.05 -0.20
N ASN A 156 -16.52 6.96 -1.09
CA ASN A 156 -17.44 7.70 -1.94
C ASN A 156 -16.67 8.15 -3.19
N GLY A 157 -17.43 8.49 -4.23
CA GLY A 157 -16.81 8.86 -5.48
C GLY A 157 -15.95 10.09 -5.46
N ALA A 158 -16.43 11.20 -4.86
CA ALA A 158 -15.61 12.41 -4.92
C ALA A 158 -14.27 12.23 -4.22
N PHE A 159 -14.32 11.58 -3.06
CA PHE A 159 -13.05 11.40 -2.34
C PHE A 159 -12.11 10.51 -3.14
N GLN A 160 -12.62 9.41 -3.70
CA GLN A 160 -11.74 8.51 -4.46
C GLN A 160 -11.04 9.22 -5.63
N GLU A 161 -11.82 10.05 -6.32
CA GLU A 161 -11.35 10.86 -7.43
C GLU A 161 -10.19 11.73 -7.01
N ARG A 162 -10.32 12.44 -5.87
CA ARG A 162 -9.25 13.30 -5.41
C ARG A 162 -8.04 12.49 -4.96
N ALA A 163 -8.24 11.32 -4.36
CA ALA A 163 -7.08 10.50 -4.00
C ALA A 163 -6.35 9.99 -5.24
N LEU A 164 -7.06 9.53 -6.26
CA LEU A 164 -6.38 9.09 -7.50
C LEU A 164 -5.51 10.19 -8.07
N ARG A 165 -6.03 11.43 -8.09
CA ARG A 165 -5.18 12.53 -8.57
C ARG A 165 -3.88 12.63 -7.80
N CYS A 166 -3.93 12.48 -6.49
CA CYS A 166 -2.72 12.53 -5.63
C CYS A 166 -1.79 11.37 -5.94
N PHE A 167 -2.43 10.20 -6.14
CA PHE A 167 -1.59 9.05 -6.49
C PHE A 167 -0.85 9.42 -7.80
N HIS A 168 -1.57 10.05 -8.74
CA HIS A 168 -0.89 10.37 -10.01
C HIS A 168 0.33 11.26 -9.80
N GLN A 169 0.33 12.12 -8.79
CA GLN A 169 1.45 13.00 -8.50
C GLN A 169 2.62 12.19 -7.96
N LEU A 170 2.30 11.29 -7.02
CA LEU A 170 3.33 10.44 -6.42
C LEU A 170 4.00 9.53 -7.42
N MET A 171 3.32 9.27 -8.54
CA MET A 171 3.97 8.37 -9.52
C MET A 171 5.03 9.13 -10.30
N LYS A 172 4.91 10.45 -10.37
CA LYS A 172 5.92 11.24 -11.06
C LYS A 172 7.26 11.20 -10.32
N ASP A 173 7.43 10.40 -9.26
CA ASP A 173 8.71 10.29 -8.57
C ASP A 173 9.37 8.96 -8.97
N THR A 174 10.33 9.04 -9.87
CA THR A 174 11.00 7.85 -10.37
C THR A 174 11.94 7.24 -9.36
N THR A 175 12.17 7.89 -8.22
CA THR A 175 13.08 7.24 -7.26
C THR A 175 12.48 5.88 -6.86
N LEU A 176 11.22 5.64 -7.21
CA LEU A 176 10.62 4.39 -6.75
C LEU A 176 10.31 3.46 -7.93
N ASN A 177 10.38 2.18 -7.62
CA ASN A 177 10.08 1.22 -8.72
C ASN A 177 8.57 0.98 -8.84
N TRP A 178 7.92 1.97 -9.49
CA TRP A 178 6.48 1.84 -9.70
C TRP A 178 6.21 0.94 -10.93
N LYS A 179 5.22 0.06 -10.83
CA LYS A 179 4.76 -0.79 -11.92
C LYS A 179 3.23 -0.72 -12.04
N MET A 180 2.77 -0.31 -13.24
CA MET A 180 1.32 -0.19 -13.42
C MET A 180 0.77 -1.58 -13.75
N VAL A 181 -0.37 -1.90 -13.19
CA VAL A 181 -1.07 -3.14 -13.39
C VAL A 181 -2.48 -2.80 -13.88
N ASP A 182 -2.91 -3.50 -14.92
CA ASP A 182 -4.25 -3.32 -15.47
C ASP A 182 -5.22 -4.13 -14.61
N ALA A 183 -5.78 -3.52 -13.58
CA ALA A 183 -6.65 -4.18 -12.63
C ALA A 183 -8.05 -4.45 -13.15
N SER A 184 -8.31 -4.09 -14.40
CA SER A 184 -9.63 -4.28 -14.99
C SER A 184 -9.82 -5.71 -15.47
N LYS A 185 -8.70 -6.44 -15.55
CA LYS A 185 -8.81 -7.82 -16.04
C LYS A 185 -9.43 -8.73 -14.98
N SER A 186 -9.42 -10.03 -15.25
CA SER A 186 -9.95 -11.02 -14.34
C SER A 186 -9.01 -11.19 -13.14
N ILE A 187 -9.55 -11.70 -12.05
CA ILE A 187 -8.73 -11.95 -10.86
C ILE A 187 -7.51 -12.82 -11.22
N GLU A 188 -7.69 -13.89 -12.02
CA GLU A 188 -6.51 -14.70 -12.32
C GLU A 188 -5.50 -14.01 -13.24
N ALA A 189 -6.00 -13.23 -14.19
CA ALA A 189 -5.12 -12.55 -15.15
C ALA A 189 -4.31 -11.48 -14.45
N VAL A 190 -5.01 -10.68 -13.61
CA VAL A 190 -4.30 -9.66 -12.85
C VAL A 190 -3.22 -10.29 -11.98
N HIS A 191 -3.61 -11.41 -11.36
CA HIS A 191 -2.73 -12.19 -10.52
C HIS A 191 -1.45 -12.66 -11.25
N GLU A 192 -1.60 -13.13 -12.49
CA GLU A 192 -0.43 -13.63 -13.22
C GLU A 192 0.54 -12.49 -13.48
N ASP A 193 0.01 -11.32 -13.83
CA ASP A 193 0.85 -10.15 -14.08
C ASP A 193 1.65 -9.73 -12.86
N ILE A 194 0.94 -9.65 -11.72
CA ILE A 194 1.57 -9.22 -10.46
C ILE A 194 2.58 -10.27 -10.01
N ARG A 195 2.28 -11.56 -10.22
CA ARG A 195 3.19 -12.59 -9.74
C ARG A 195 4.51 -12.49 -10.51
N VAL A 196 4.44 -12.37 -11.82
CA VAL A 196 5.61 -12.31 -12.67
C VAL A 196 6.46 -11.08 -12.33
N LEU A 197 5.82 -9.93 -12.07
CA LEU A 197 6.55 -8.74 -11.69
C LEU A 197 7.21 -8.96 -10.33
N SER A 198 6.45 -9.60 -9.42
CA SER A 198 6.98 -9.89 -8.10
C SER A 198 8.19 -10.82 -8.13
N GLU A 199 8.15 -11.89 -8.89
CA GLU A 199 9.32 -12.83 -8.92
C GLU A 199 10.59 -12.12 -9.38
N ASP A 200 10.43 -11.25 -10.38
CA ASP A 200 11.58 -10.48 -10.87
C ASP A 200 12.12 -9.58 -9.78
N ALA A 201 11.21 -8.85 -9.08
CA ALA A 201 11.68 -8.01 -7.98
C ALA A 201 12.33 -8.79 -6.86
N ILE A 202 11.83 -9.95 -6.44
CA ILE A 202 12.43 -10.75 -5.40
C ILE A 202 13.87 -11.07 -5.83
N ALA A 203 14.02 -11.49 -7.07
CA ALA A 203 15.39 -11.87 -7.50
C ALA A 203 16.36 -10.71 -7.33
N THR A 204 15.99 -9.55 -7.85
CA THR A 204 16.88 -8.39 -7.72
C THR A 204 17.01 -7.79 -6.33
N ALA A 205 16.05 -7.79 -5.43
CA ALA A 205 16.22 -7.21 -4.11
C ALA A 205 17.38 -7.84 -3.37
N THR A 206 17.65 -9.11 -3.70
CA THR A 206 18.75 -9.78 -3.00
C THR A 206 20.10 -9.13 -3.34
N GLU A 207 20.16 -8.20 -4.30
CA GLU A 207 21.42 -7.60 -4.70
C GLU A 207 21.73 -6.25 -4.09
N LYS A 208 20.74 -5.43 -3.78
CA LYS A 208 20.90 -4.11 -3.22
C LYS A 208 20.28 -4.00 -1.83
N PRO A 209 20.89 -3.25 -0.94
CA PRO A 209 20.42 -3.04 0.41
C PRO A 209 19.08 -2.31 0.43
N LEU A 210 18.39 -2.52 1.54
CA LEU A 210 17.09 -1.88 1.76
C LEU A 210 17.39 -0.38 1.92
N LYS A 211 16.67 0.41 1.15
CA LYS A 211 16.80 1.86 1.21
C LYS A 211 15.72 2.52 2.07
N GLU A 212 15.84 3.84 2.19
CA GLU A 212 14.85 4.58 3.00
C GLU A 212 13.98 5.39 2.08
N LEU A 213 12.68 5.44 2.43
CA LEU A 213 11.72 6.16 1.61
C LEU A 213 11.83 7.67 1.68
N TRP A 214 11.69 8.34 0.54
CA TRP A 214 11.56 9.77 0.41
C TRP A 214 12.71 10.54 1.04
N LYS A 215 13.89 9.97 0.95
CA LYS A 215 15.11 10.55 1.50
C LYS A 215 16.36 9.89 0.89
P ATM B . -8.52 -0.48 3.21
OP1 ATM B . -9.43 -0.05 2.11
OP2 ATM B . -7.25 -1.09 2.74
OP3 ATM B . -9.27 -1.21 4.30
O5' ATM B . -8.01 0.89 3.94
C5' ATM B . -9.02 1.64 4.66
C4' ATM B . -8.84 3.18 4.44
O4' ATM B . -7.69 3.78 4.98
C3' ATM B . -8.89 3.50 2.97
N3' ATM B . -10.01 4.48 2.70
N4' ATM B . -10.31 4.59 1.52
N5' ATM B . -10.56 4.67 0.41
C2' ATM B . -7.52 4.16 2.67
C1' ATM B . -7.13 4.70 4.08
N1 ATM B . -5.77 5.05 4.42
C2 ATM B . -5.47 6.40 4.79
O2 ATM B . -6.33 7.29 4.74
N3 ATM B . -4.17 6.55 5.20
C4 ATM B . -3.23 5.53 5.28
O4 ATM B . -1.95 5.74 5.70
C5 ATM B . -3.61 4.15 4.86
C5A ATM B . -2.65 3.02 4.92
C6 ATM B . -4.92 4.01 4.49
PB ADP C . -9.45 -3.56 -2.41
O1B ADP C . -8.69 -2.82 -3.48
O2B ADP C . -8.79 -4.22 -1.30
O3B ADP C . -10.64 -2.65 -1.86
PA ADP C . -10.74 -6.15 -3.00
O1A ADP C . -11.37 -6.24 -1.69
O2A ADP C . -9.65 -7.13 -3.34
O3A ADP C . -10.27 -4.65 -3.34
O5' ADP C . -11.86 -6.33 -4.10
C5' ADP C . -13.08 -5.57 -4.14
C4' ADP C . -14.25 -6.44 -4.66
O4' ADP C . -14.02 -6.65 -6.05
C3' ADP C . -14.32 -7.79 -3.95
O3' ADP C . -15.66 -8.25 -3.90
C2' ADP C . -13.53 -8.66 -4.97
O2' ADP C . -13.94 -9.98 -5.05
C1' ADP C . -13.88 -8.01 -6.30
N9 ADP C . -12.77 -8.17 -7.27
C8 ADP C . -11.42 -8.11 -6.98
N7 ADP C . -10.65 -8.17 -8.05
C5 ADP C . -11.57 -8.27 -9.12
C6 ADP C . -11.38 -8.37 -10.51
N6 ADP C . -10.20 -8.42 -11.05
N1 ADP C . -12.55 -8.45 -11.19
C2 ADP C . -13.76 -8.39 -10.65
N3 ADP C . -14.00 -8.31 -9.34
C4 ADP C . -12.87 -8.25 -8.68
MG MG D . -8.81 -4.10 0.65
MG MG E . 10.88 19.66 3.61
#